data_8IU8
#
_entry.id   8IU8
#
_cell.length_a   156.241
_cell.length_b   48.409
_cell.length_c   76.453
_cell.angle_alpha   90.000
_cell.angle_beta   104.601
_cell.angle_gamma   90.000
#
_symmetry.space_group_name_H-M   'C 1 2 1'
#
loop_
_entity.id
_entity.type
_entity.pdbx_description
1 polymer 'Candidate dextranase Glycoside hydrolase family 66'
2 non-polymer GLYCEROL
3 water water
#
_entity_poly.entity_id   1
_entity_poly.type   'polypeptide(L)'
_entity_poly.pdbx_seq_one_letter_code
;MGSSHHHHHHSSGLVPRGSHMASAEDAVTAKITLKTDKASYKPGETVNFTADKVFNSSLIRYTHLGKVIKEETFSGTSWS
WLPPSDDFQGYMVAIYQTNTDGTQTILGTVGIDVSSDWAKFPRYGFLSEFGNISESDRAAVIDNLKDYHINGIQFYDWQY
RQHQPLAGTVSNPMPVWNDIINREVYGSTVSGYIAQAHSKNMKAMFYNLAYGVLNDYDPNLIKQQQFVYKDANHNDKDKH
ELGWPFISNIYITDPANTAWQNYLAQKNDDVYKVYDFDGFHIDQLGDRGNVFRYDGTNADLKNAFPSFISAMKSANTNKK
LVMNAVNQYGQKEIAGKELDFLYTEVWSPNEGFKDLTQVLTDNAAYSNNSKNTVLAAYMNYNKANNQGMFNTPGVLLTDA
VIFAFGGSHLELGEHMLGKEYFPNKNLSMSAELKSSLLEYYDFMTAYQNLLRDGGTYTNPTIATGDGKLNLGSWPPTMGK
VAAVGKQVGSREIIHLLNFTNANSLNWRDTDGTQNVPDLIKQAMLNLNHSGKVTKIWYASPDYNGGAAVELSFSQNGEKV
NFKVPVLQYWAMIVVE
;
_entity_poly.pdbx_strand_id   A
#
loop_
_chem_comp.id
_chem_comp.type
_chem_comp.name
_chem_comp.formula
GOL non-polymer GLYCEROL 'C3 H8 O3'
#
# COMPACT_ATOMS: atom_id res chain seq x y z
N THR A 29 -1.63 -5.68 23.46
CA THR A 29 -0.57 -6.30 24.32
C THR A 29 0.45 -5.20 24.71
N ALA A 30 0.68 -4.18 23.84
CA ALA A 30 1.61 -3.08 24.13
C ALA A 30 1.02 -2.15 25.19
N LYS A 31 1.85 -1.78 26.17
CA LYS A 31 1.43 -0.98 27.29
C LYS A 31 1.05 0.43 26.76
N ILE A 32 1.80 0.90 25.75
CA ILE A 32 1.73 2.29 25.36
C ILE A 32 1.38 2.39 23.90
N THR A 33 0.54 3.38 23.56
CA THR A 33 0.36 3.78 22.17
C THR A 33 1.29 4.96 21.88
N LEU A 34 2.19 4.76 20.92
CA LEU A 34 3.24 5.72 20.57
C LEU A 34 2.95 6.12 19.11
N LYS A 35 2.74 7.40 18.91
CA LYS A 35 2.37 8.00 17.64
C LYS A 35 3.27 9.19 17.38
N THR A 36 3.23 9.64 16.13
CA THR A 36 3.93 10.84 15.66
C THR A 36 2.89 11.76 15.01
N ASP A 37 3.27 13.02 14.72
CA ASP A 37 2.26 13.97 14.32
C ASP A 37 1.99 13.85 12.80
N LYS A 38 2.93 13.32 12.03
CA LYS A 38 2.78 13.26 10.58
C LYS A 38 2.90 11.81 10.13
N ALA A 39 2.54 11.58 8.87
CA ALA A 39 2.63 10.25 8.26
C ALA A 39 4.04 9.88 7.85
N SER A 40 4.82 10.88 7.39
CA SER A 40 6.20 10.79 7.01
C SER A 40 6.79 12.19 7.04
N TYR A 41 8.12 12.24 6.87
CA TYR A 41 8.88 13.44 7.22
C TYR A 41 9.95 13.68 6.20
N LYS A 42 9.88 14.85 5.58
CA LYS A 42 10.96 15.23 4.69
C LYS A 42 12.20 15.38 5.54
N PRO A 43 13.42 15.21 4.97
CA PRO A 43 14.67 15.66 5.59
C PRO A 43 14.63 17.06 6.17
N GLY A 44 14.94 17.15 7.45
CA GLY A 44 14.93 18.37 8.17
C GLY A 44 13.64 18.65 8.91
N GLU A 45 12.66 17.82 8.76
CA GLU A 45 11.40 18.03 9.48
C GLU A 45 11.46 17.30 10.83
N THR A 46 10.99 18.01 11.86
CA THR A 46 10.95 17.47 13.20
C THR A 46 9.75 16.54 13.36
N VAL A 47 10.06 15.49 14.09
CA VAL A 47 9.06 14.50 14.52
C VAL A 47 8.53 14.85 15.93
N ASN A 48 7.22 14.97 16.02
CA ASN A 48 6.57 15.26 17.29
C ASN A 48 5.83 14.02 17.75
N PHE A 49 6.22 13.53 18.94
CA PHE A 49 5.71 12.25 19.48
C PHE A 49 4.60 12.48 20.50
N THR A 50 3.58 11.56 20.56
CA THR A 50 2.61 11.45 21.65
C THR A 50 2.63 9.99 22.08
N ALA A 51 2.83 9.82 23.36
CA ALA A 51 2.54 8.59 24.08
C ALA A 51 1.28 8.79 24.92
N ASP A 52 0.46 7.71 25.03
CA ASP A 52 -0.74 7.77 25.86
C ASP A 52 -0.47 7.56 27.34
N LYS A 53 0.72 7.13 27.71
CA LYS A 53 0.96 6.79 29.09
C LYS A 53 2.43 7.04 29.34
N VAL A 54 2.77 7.31 30.59
CA VAL A 54 4.18 7.35 30.97
C VAL A 54 4.45 6.26 32.00
N PHE A 55 5.67 5.74 32.06
CA PHE A 55 6.12 4.80 33.06
C PHE A 55 7.51 5.23 33.50
N ASN A 56 7.87 4.87 34.73
CA ASN A 56 9.15 5.21 35.33
C ASN A 56 10.24 4.34 34.73
N SER A 57 11.48 4.75 34.99
CA SER A 57 12.70 3.98 34.76
C SER A 57 12.80 3.46 33.34
N SER A 58 12.30 4.26 32.38
CA SER A 58 12.23 3.97 30.98
C SER A 58 13.02 4.96 30.12
N LEU A 59 13.36 4.43 28.94
CA LEU A 59 14.35 4.92 27.96
C LEU A 59 13.69 4.83 26.57
N ILE A 60 13.85 5.86 25.73
CA ILE A 60 13.45 5.88 24.34
C ILE A 60 14.69 5.56 23.51
N ARG A 61 14.58 4.51 22.70
CA ARG A 61 15.68 4.06 21.89
C ARG A 61 15.39 4.27 20.40
N TYR A 62 16.27 4.99 19.73
CA TYR A 62 16.08 5.24 18.28
C TYR A 62 17.05 4.35 17.54
N THR A 63 16.52 3.52 16.63
CA THR A 63 17.29 2.60 15.87
C THR A 63 17.12 2.87 14.38
N HIS A 64 18.24 2.65 13.68
CA HIS A 64 18.32 2.56 12.25
C HIS A 64 18.88 1.21 11.88
N LEU A 65 18.04 0.45 11.13
CA LEU A 65 18.36 -0.95 10.82
C LEU A 65 18.93 -1.65 12.02
N GLY A 66 18.16 -1.62 13.12
CA GLY A 66 18.53 -2.46 14.24
C GLY A 66 19.67 -1.84 15.08
N LYS A 67 20.26 -0.70 14.65
CA LYS A 67 21.39 -0.14 15.38
C LYS A 67 20.91 1.02 16.20
N VAL A 68 21.28 1.09 17.47
CA VAL A 68 20.86 2.24 18.24
C VAL A 68 21.64 3.50 17.81
N ILE A 69 20.96 4.60 17.54
CA ILE A 69 21.60 5.83 17.09
C ILE A 69 21.39 6.95 18.15
N LYS A 70 20.43 6.76 19.10
CA LYS A 70 20.17 7.72 20.17
C LYS A 70 19.37 7.02 21.24
N GLU A 71 19.67 7.32 22.49
CA GLU A 71 18.74 7.01 23.55
C GLU A 71 18.58 8.23 24.46
N GLU A 72 17.38 8.34 25.02
CA GLU A 72 17.10 9.39 26.01
C GLU A 72 16.04 8.85 26.95
N THR A 73 15.90 9.53 28.08
CA THR A 73 14.96 9.15 29.11
C THR A 73 13.57 9.40 28.56
N PHE A 74 12.65 8.51 28.91
CA PHE A 74 11.23 8.68 28.59
C PHE A 74 10.69 9.59 29.66
N SER A 75 10.28 10.82 29.31
CA SER A 75 10.19 11.89 30.29
C SER A 75 8.79 12.48 30.42
N GLY A 76 7.99 12.23 29.38
CA GLY A 76 6.67 12.83 29.30
C GLY A 76 5.87 12.23 28.18
N THR A 77 4.61 12.70 28.06
CA THR A 77 3.79 12.25 26.92
C THR A 77 4.06 12.92 25.60
N SER A 78 4.85 14.00 25.56
N SER A 78 4.84 14.03 25.62
CA SER A 78 5.06 14.67 24.28
CA SER A 78 5.14 14.83 24.43
C SER A 78 6.50 15.19 24.22
C SER A 78 6.63 15.07 24.32
N TRP A 79 7.20 14.89 23.11
CA TRP A 79 8.57 15.29 22.91
C TRP A 79 8.85 15.31 21.42
N SER A 80 10.02 15.80 21.05
CA SER A 80 10.33 15.92 19.63
C SER A 80 11.73 15.38 19.35
N TRP A 81 11.94 15.03 18.08
CA TRP A 81 13.20 14.53 17.63
C TRP A 81 13.42 14.97 16.20
N LEU A 82 14.58 15.53 15.94
CA LEU A 82 14.95 15.89 14.59
C LEU A 82 15.73 14.70 14.04
N PRO A 83 15.20 13.97 13.04
CA PRO A 83 15.89 12.76 12.54
C PRO A 83 17.15 13.13 11.76
N PRO A 84 18.10 12.20 11.56
CA PRO A 84 19.14 12.44 10.57
C PRO A 84 18.52 12.82 9.25
N SER A 85 19.24 13.64 8.51
CA SER A 85 18.74 14.14 7.24
C SER A 85 18.96 13.29 5.99
N ASP A 86 19.68 12.14 6.03
CA ASP A 86 19.76 11.37 4.79
C ASP A 86 18.37 10.94 4.31
N ASP A 87 18.21 11.01 2.97
CA ASP A 87 16.91 10.86 2.39
C ASP A 87 16.58 9.35 2.39
N PHE A 88 15.28 9.07 2.46
CA PHE A 88 14.69 7.75 2.18
C PHE A 88 15.20 6.69 3.18
N GLN A 89 15.01 6.96 4.46
CA GLN A 89 15.55 6.16 5.56
C GLN A 89 14.38 5.90 6.47
N GLY A 90 14.28 4.64 6.89
CA GLY A 90 13.31 4.23 7.91
C GLY A 90 13.97 3.99 9.26
N TYR A 91 13.30 4.41 10.35
CA TYR A 91 13.77 4.27 11.69
C TYR A 91 12.68 3.61 12.56
N MET A 92 13.10 3.02 13.68
CA MET A 92 12.12 2.54 14.65
C MET A 92 12.44 3.34 15.89
N VAL A 93 11.40 3.69 16.61
CA VAL A 93 11.55 4.24 17.96
C VAL A 93 10.80 3.33 18.94
N ALA A 94 11.49 2.92 20.02
CA ALA A 94 11.00 1.90 20.97
C ALA A 94 11.22 2.35 22.42
N ILE A 95 10.17 2.36 23.26
CA ILE A 95 10.32 2.79 24.63
C ILE A 95 10.42 1.52 25.46
N TYR A 96 11.40 1.50 26.36
CA TYR A 96 11.77 0.37 27.18
C TYR A 96 11.64 0.73 28.64
N GLN A 97 11.10 -0.17 29.47
CA GLN A 97 11.20 0.04 30.89
C GLN A 97 12.33 -0.83 31.42
N THR A 98 13.13 -0.28 32.32
CA THR A 98 14.06 -1.11 33.08
C THR A 98 13.39 -1.65 34.34
N ASN A 99 13.31 -2.99 34.39
CA ASN A 99 12.93 -3.79 35.56
C ASN A 99 14.17 -3.95 36.47
N THR A 100 13.96 -4.09 37.78
CA THR A 100 15.05 -4.26 38.72
C THR A 100 15.80 -5.60 38.49
N THR A 103 16.21 -6.64 33.72
CA THR A 103 16.05 -6.64 32.24
C THR A 103 15.18 -5.46 31.78
N GLN A 104 14.74 -5.49 30.50
CA GLN A 104 13.99 -4.42 29.88
C GLN A 104 12.74 -4.99 29.21
N THR A 105 11.63 -4.24 29.30
CA THR A 105 10.37 -4.64 28.67
C THR A 105 9.99 -3.61 27.64
N ILE A 106 9.67 -3.99 26.38
CA ILE A 106 9.24 -3.02 25.40
C ILE A 106 7.87 -2.47 25.83
N LEU A 107 7.75 -1.14 25.91
CA LEU A 107 6.47 -0.55 26.20
C LEU A 107 5.70 -0.25 24.95
N GLY A 108 6.35 0.12 23.87
CA GLY A 108 5.61 0.40 22.65
C GLY A 108 6.55 1.07 21.64
N THR A 109 6.15 1.07 20.34
CA THR A 109 6.99 1.38 19.20
C THR A 109 6.25 2.30 18.22
N VAL A 110 7.05 2.94 17.39
CA VAL A 110 6.54 3.58 16.22
C VAL A 110 7.65 3.58 15.18
N GLY A 111 7.23 3.34 13.94
CA GLY A 111 8.14 3.52 12.81
C GLY A 111 8.12 4.95 12.29
N ILE A 112 9.21 5.35 11.61
CA ILE A 112 9.35 6.72 11.05
C ILE A 112 9.97 6.58 9.69
N ASP A 113 9.34 7.28 8.75
CA ASP A 113 9.87 7.39 7.43
C ASP A 113 10.30 8.82 7.13
N VAL A 114 11.62 8.89 6.82
CA VAL A 114 12.24 10.11 6.29
C VAL A 114 12.35 9.89 4.78
N SER A 115 11.51 10.56 3.99
CA SER A 115 11.49 10.56 2.55
C SER A 115 11.15 11.99 2.05
N SER A 116 11.79 12.41 0.96
CA SER A 116 11.44 13.65 0.28
C SER A 116 10.14 13.50 -0.51
N ASP A 117 9.86 12.25 -0.89
CA ASP A 117 8.79 11.95 -1.84
C ASP A 117 8.24 10.53 -1.58
N TRP A 118 6.93 10.37 -1.77
CA TRP A 118 6.26 9.10 -1.44
C TRP A 118 6.60 7.96 -2.39
N ALA A 119 7.26 8.20 -3.54
CA ALA A 119 7.12 7.16 -4.58
C ALA A 119 8.06 6.02 -4.37
N LYS A 120 9.12 6.26 -3.67
CA LYS A 120 10.04 5.18 -3.40
C LYS A 120 9.37 4.11 -2.48
N PHE A 121 8.71 4.60 -1.43
CA PHE A 121 8.15 3.74 -0.39
C PHE A 121 6.68 4.03 -0.28
N PRO A 122 5.87 3.77 -1.31
CA PRO A 122 4.47 4.13 -1.23
C PRO A 122 3.72 3.23 -0.22
N ARG A 123 2.97 3.94 0.62
CA ARG A 123 1.95 3.39 1.52
C ARG A 123 0.61 4.09 1.24
N TYR A 124 -0.17 3.48 0.33
CA TYR A 124 -1.25 4.13 -0.38
C TYR A 124 -2.50 3.76 0.40
N GLY A 125 -3.38 4.72 0.65
CA GLY A 125 -4.73 4.54 1.25
C GLY A 125 -5.78 5.17 0.32
N PHE A 126 -7.05 5.26 0.75
CA PHE A 126 -8.14 5.81 -0.02
C PHE A 126 -9.00 6.67 0.89
N LEU A 127 -9.82 7.53 0.22
CA LEU A 127 -11.05 8.03 0.80
C LEU A 127 -12.19 7.69 -0.18
N SER A 128 -13.40 7.63 0.36
CA SER A 128 -14.52 7.06 -0.39
C SER A 128 -15.84 7.75 -0.11
N GLU A 129 -15.91 8.58 0.93
CA GLU A 129 -17.12 9.28 1.24
C GLU A 129 -16.80 10.79 1.29
N PHE A 130 -17.58 11.61 0.53
CA PHE A 130 -17.26 13.01 0.29
C PHE A 130 -18.50 13.88 0.48
N GLY A 131 -19.44 13.44 1.31
CA GLY A 131 -20.66 14.18 1.55
C GLY A 131 -20.44 15.17 2.69
N ASN A 132 -21.51 15.56 3.33
CA ASN A 132 -21.47 16.57 4.37
C ASN A 132 -20.83 16.00 5.63
N ILE A 133 -19.52 15.90 5.69
CA ILE A 133 -18.86 15.20 6.78
C ILE A 133 -18.12 16.24 7.60
N SER A 134 -18.22 16.25 8.93
CA SER A 134 -17.70 17.39 9.65
C SER A 134 -16.18 17.42 9.54
N GLU A 135 -15.62 18.63 9.84
CA GLU A 135 -14.18 18.77 9.81
C GLU A 135 -13.55 17.86 10.88
N SER A 136 -14.14 17.75 12.09
CA SER A 136 -13.57 16.84 13.08
C SER A 136 -13.66 15.36 12.63
N ASP A 137 -14.73 14.97 11.94
CA ASP A 137 -14.90 13.58 11.48
C ASP A 137 -13.83 13.33 10.45
N ARG A 138 -13.63 14.28 9.54
CA ARG A 138 -12.59 14.13 8.54
C ARG A 138 -11.18 13.99 9.17
N ALA A 139 -10.96 14.77 10.22
CA ALA A 139 -9.66 14.79 10.89
C ALA A 139 -9.38 13.43 11.54
N ALA A 140 -10.43 12.80 12.06
CA ALA A 140 -10.29 11.52 12.77
C ALA A 140 -9.98 10.46 11.71
N VAL A 141 -10.58 10.57 10.55
CA VAL A 141 -10.23 9.69 9.42
C VAL A 141 -8.77 9.81 9.01
N ILE A 142 -8.31 11.06 8.76
CA ILE A 142 -6.94 11.32 8.34
C ILE A 142 -5.97 10.99 9.46
N ASP A 143 -6.33 11.33 10.69
CA ASP A 143 -5.36 11.07 11.74
C ASP A 143 -5.09 9.56 11.83
N ASN A 144 -6.18 8.79 11.75
CA ASN A 144 -6.06 7.32 11.82
C ASN A 144 -5.17 6.86 10.66
N LEU A 145 -5.40 7.34 9.44
CA LEU A 145 -4.53 6.94 8.32
C LEU A 145 -3.07 7.35 8.54
N LYS A 146 -2.91 8.55 9.13
CA LYS A 146 -1.61 9.06 9.54
C LYS A 146 -0.88 8.07 10.49
N ASP A 147 -1.57 7.42 11.39
CA ASP A 147 -0.93 6.51 12.32
C ASP A 147 -0.46 5.20 11.63
N TYR A 148 -0.97 4.94 10.42
CA TYR A 148 -0.49 3.80 9.64
C TYR A 148 0.60 4.28 8.67
N HIS A 149 0.98 5.59 8.84
CA HIS A 149 2.01 6.23 8.00
C HIS A 149 1.62 6.25 6.52
N ILE A 150 0.32 6.30 6.23
CA ILE A 150 -0.15 6.40 4.85
C ILE A 150 0.42 7.69 4.26
N ASN A 151 1.12 7.58 3.14
CA ASN A 151 1.82 8.72 2.53
C ASN A 151 1.16 9.22 1.26
N GLY A 152 0.03 8.61 0.89
CA GLY A 152 -0.78 9.09 -0.21
C GLY A 152 -2.17 8.45 -0.23
N ILE A 153 -3.14 9.20 -0.79
CA ILE A 153 -4.54 8.75 -0.70
C ILE A 153 -5.14 8.84 -2.07
N GLN A 154 -5.79 7.80 -2.50
CA GLN A 154 -6.61 7.73 -3.69
C GLN A 154 -8.03 8.11 -3.34
N PHE A 155 -8.50 9.24 -3.85
CA PHE A 155 -9.82 9.72 -3.59
C PHE A 155 -10.75 9.02 -4.61
N TYR A 156 -11.60 8.12 -4.12
CA TYR A 156 -12.35 7.18 -4.95
C TYR A 156 -13.80 7.68 -5.12
N ASP A 157 -14.24 7.97 -6.35
CA ASP A 157 -15.60 8.43 -6.63
C ASP A 157 -15.90 9.75 -5.91
N TRP A 158 -14.89 10.65 -5.89
CA TRP A 158 -14.99 12.08 -5.62
C TRP A 158 -15.58 12.85 -6.82
N GLN A 159 -15.38 12.30 -8.03
CA GLN A 159 -15.53 13.03 -9.26
C GLN A 159 -17.01 13.17 -9.62
N TYR A 160 -17.32 14.18 -10.47
CA TYR A 160 -18.65 14.34 -11.01
C TYR A 160 -18.91 13.23 -12.02
N ARG A 161 -18.14 13.22 -13.09
CA ARG A 161 -18.35 12.28 -14.16
C ARG A 161 -17.02 11.88 -14.73
N GLN A 162 -17.01 10.66 -15.31
CA GLN A 162 -15.73 10.18 -15.81
C GLN A 162 -15.26 11.06 -16.94
N HIS A 163 -16.21 11.61 -17.70
CA HIS A 163 -15.84 12.44 -18.84
C HIS A 163 -15.77 13.93 -18.48
N GLN A 164 -16.01 14.26 -17.20
CA GLN A 164 -16.00 15.63 -16.70
C GLN A 164 -15.85 15.59 -15.19
N PRO A 165 -14.64 15.27 -14.68
CA PRO A 165 -14.46 15.14 -13.24
C PRO A 165 -14.86 16.39 -12.45
N LEU A 166 -14.63 17.59 -13.01
CA LEU A 166 -15.02 18.83 -12.34
C LEU A 166 -16.49 19.13 -12.61
N ALA A 167 -17.24 19.24 -11.53
CA ALA A 167 -18.59 19.76 -11.61
C ALA A 167 -18.57 21.29 -11.65
N GLY A 168 -19.30 21.86 -12.59
CA GLY A 168 -19.28 23.27 -12.92
C GLY A 168 -18.06 23.66 -13.80
N THR A 169 -17.50 24.85 -13.56
CA THR A 169 -16.41 25.41 -14.34
C THR A 169 -15.32 25.85 -13.37
N VAL A 170 -14.12 26.09 -13.91
CA VAL A 170 -13.03 26.63 -13.12
C VAL A 170 -13.47 27.92 -12.43
N SER A 171 -14.05 28.85 -13.22
CA SER A 171 -14.47 30.17 -12.71
C SER A 171 -15.61 29.98 -11.73
N ASN A 172 -16.44 28.96 -11.94
CA ASN A 172 -17.64 28.80 -11.18
C ASN A 172 -17.81 27.34 -10.75
N PRO A 173 -16.98 26.81 -9.84
CA PRO A 173 -17.11 25.39 -9.55
C PRO A 173 -18.37 25.10 -8.71
N MET A 174 -19.07 24.00 -9.07
CA MET A 174 -20.29 23.61 -8.39
C MET A 174 -19.93 23.22 -6.96
N PRO A 175 -20.56 23.80 -5.89
CA PRO A 175 -20.20 23.39 -4.53
C PRO A 175 -20.65 21.99 -4.09
N VAL A 176 -21.80 21.55 -4.64
CA VAL A 176 -22.34 20.21 -4.42
C VAL A 176 -22.69 19.62 -5.79
N TRP A 177 -22.35 18.35 -5.99
CA TRP A 177 -22.76 17.61 -7.17
C TRP A 177 -23.21 16.21 -6.76
N ASN A 178 -23.77 15.46 -7.69
CA ASN A 178 -24.07 14.05 -7.46
C ASN A 178 -23.16 13.20 -8.34
N ASP A 179 -22.72 12.07 -7.78
CA ASP A 179 -21.77 11.15 -8.37
C ASP A 179 -22.48 10.05 -9.17
N ILE A 180 -21.65 9.07 -9.54
CA ILE A 180 -22.09 7.99 -10.42
C ILE A 180 -23.19 7.19 -9.72
N ILE A 181 -23.31 7.25 -8.38
CA ILE A 181 -24.42 6.57 -7.70
C ILE A 181 -25.47 7.55 -7.24
N ASN A 182 -25.31 8.79 -7.70
CA ASN A 182 -26.24 9.86 -7.47
C ASN A 182 -26.24 10.23 -5.99
N ARG A 183 -25.14 9.91 -5.31
CA ARG A 183 -24.85 10.47 -3.99
C ARG A 183 -24.29 11.90 -4.11
N GLU A 184 -24.57 12.69 -3.09
CA GLU A 184 -24.05 14.03 -2.96
C GLU A 184 -22.56 14.00 -2.61
N VAL A 185 -21.81 14.82 -3.35
CA VAL A 185 -20.41 15.10 -3.03
C VAL A 185 -20.30 16.60 -2.81
N TYR A 186 -19.63 17.00 -1.73
CA TYR A 186 -19.36 18.39 -1.41
C TYR A 186 -17.94 18.77 -1.86
N GLY A 187 -17.83 19.81 -2.67
CA GLY A 187 -16.49 20.33 -2.95
C GLY A 187 -15.69 20.67 -1.69
N SER A 188 -16.34 21.24 -0.69
CA SER A 188 -15.66 21.66 0.53
C SER A 188 -15.19 20.45 1.32
N THR A 189 -15.92 19.32 1.26
CA THR A 189 -15.33 18.08 1.82
C THR A 189 -14.09 17.59 1.04
N VAL A 190 -14.15 17.58 -0.31
CA VAL A 190 -12.99 17.22 -1.12
C VAL A 190 -11.79 18.11 -0.74
N SER A 191 -11.92 19.43 -0.87
N SER A 191 -11.97 19.43 -0.87
CA SER A 191 -10.81 20.32 -0.60
CA SER A 191 -10.91 20.39 -0.62
C SER A 191 -10.36 20.19 0.85
C SER A 191 -10.40 20.26 0.84
N GLY A 192 -11.31 20.00 1.77
CA GLY A 192 -10.97 19.88 3.18
C GLY A 192 -10.10 18.66 3.44
N TYR A 193 -10.42 17.52 2.86
CA TYR A 193 -9.60 16.32 2.98
C TYR A 193 -8.23 16.51 2.27
N ILE A 194 -8.22 17.22 1.14
CA ILE A 194 -6.94 17.47 0.46
C ILE A 194 -6.07 18.28 1.43
N ALA A 195 -6.64 19.27 2.10
CA ALA A 195 -5.86 20.10 3.01
C ALA A 195 -5.38 19.23 4.16
N GLN A 196 -6.28 18.43 4.74
CA GLN A 196 -5.90 17.66 5.89
C GLN A 196 -4.84 16.62 5.57
N ALA A 197 -4.95 15.92 4.42
CA ALA A 197 -3.94 15.02 3.95
C ALA A 197 -2.57 15.71 3.80
N HIS A 198 -2.55 16.88 3.12
CA HIS A 198 -1.38 17.73 3.01
C HIS A 198 -0.72 18.07 4.36
N SER A 199 -1.55 18.34 5.40
N SER A 199 -1.50 18.39 5.41
CA SER A 199 -1.15 18.71 6.75
CA SER A 199 -0.94 18.75 6.70
C SER A 199 -0.44 17.56 7.43
C SER A 199 -0.23 17.55 7.30
N LYS A 200 -0.63 16.32 6.92
CA LYS A 200 0.05 15.17 7.44
C LYS A 200 1.17 14.62 6.54
N ASN A 201 1.61 15.41 5.56
CA ASN A 201 2.61 15.06 4.58
C ASN A 201 2.16 13.95 3.59
N MET A 202 0.86 13.86 3.33
CA MET A 202 0.33 12.92 2.36
C MET A 202 0.02 13.57 1.04
N LYS A 203 0.23 12.82 -0.03
CA LYS A 203 -0.20 13.27 -1.32
C LYS A 203 -1.66 12.82 -1.52
N ALA A 204 -2.39 13.57 -2.39
CA ALA A 204 -3.77 13.43 -2.76
C ALA A 204 -3.85 13.18 -4.28
N MET A 205 -4.40 12.02 -4.66
CA MET A 205 -4.48 11.55 -6.04
C MET A 205 -5.97 11.40 -6.36
N PHE A 206 -6.47 12.08 -7.42
CA PHE A 206 -7.87 12.01 -7.78
C PHE A 206 -8.07 10.78 -8.67
N TYR A 207 -9.08 9.96 -8.31
CA TYR A 207 -9.44 8.80 -9.15
C TYR A 207 -10.17 9.33 -10.38
N ASN A 208 -9.86 8.76 -11.54
CA ASN A 208 -10.80 8.71 -12.65
C ASN A 208 -10.41 7.56 -13.54
N LEU A 209 -11.27 7.16 -14.48
CA LEU A 209 -10.85 6.27 -15.53
C LEU A 209 -9.96 7.02 -16.56
N ALA A 210 -9.18 6.24 -17.32
CA ALA A 210 -8.35 6.74 -18.41
C ALA A 210 -9.26 7.12 -19.55
N TYR A 211 -10.45 6.51 -19.61
CA TYR A 211 -11.18 6.48 -20.84
C TYR A 211 -12.67 6.39 -20.68
N GLY A 212 -13.19 6.85 -19.55
CA GLY A 212 -14.58 6.56 -19.26
C GLY A 212 -15.54 7.70 -19.57
N VAL A 213 -16.74 7.32 -20.08
CA VAL A 213 -17.76 8.27 -20.52
C VAL A 213 -19.12 7.71 -20.09
N LEU A 214 -19.90 8.51 -19.41
CA LEU A 214 -21.25 8.13 -19.02
C LEU A 214 -22.25 8.72 -20.00
N ASN A 215 -23.52 8.32 -19.85
CA ASN A 215 -24.53 8.52 -20.90
C ASN A 215 -24.97 9.99 -21.03
N ASP A 216 -24.54 10.87 -20.09
CA ASP A 216 -24.90 12.27 -20.13
C ASP A 216 -23.77 13.14 -20.65
N TYR A 217 -22.81 12.56 -21.39
CA TYR A 217 -21.68 13.26 -21.93
C TYR A 217 -22.12 14.23 -23.01
N ASP A 218 -21.21 15.10 -23.43
CA ASP A 218 -21.53 16.07 -24.46
C ASP A 218 -20.98 15.54 -25.79
N PRO A 219 -21.84 15.02 -26.67
CA PRO A 219 -21.46 14.46 -27.99
C PRO A 219 -20.80 15.36 -29.04
N ASN A 220 -21.01 16.65 -28.80
CA ASN A 220 -20.38 17.75 -29.47
C ASN A 220 -18.88 17.78 -29.18
N LEU A 221 -18.45 17.22 -28.03
CA LEU A 221 -17.10 17.31 -27.49
C LEU A 221 -16.36 15.97 -27.61
N ILE A 222 -17.11 14.86 -27.43
CA ILE A 222 -16.61 13.49 -27.51
C ILE A 222 -17.33 12.80 -28.68
N LYS A 223 -16.59 12.70 -29.78
CA LYS A 223 -17.13 12.19 -31.01
C LYS A 223 -17.08 10.67 -31.03
N GLN A 224 -17.93 10.14 -31.89
CA GLN A 224 -18.03 8.74 -32.25
C GLN A 224 -16.64 8.18 -32.53
N GLN A 225 -15.78 9.02 -33.14
CA GLN A 225 -14.50 8.55 -33.66
C GLN A 225 -13.61 8.15 -32.49
N GLN A 226 -13.95 8.63 -31.30
CA GLN A 226 -13.09 8.50 -30.14
C GLN A 226 -13.29 7.19 -29.38
N PHE A 227 -14.36 6.44 -29.70
CA PHE A 227 -14.81 5.38 -28.81
C PHE A 227 -14.24 4.05 -29.26
N VAL A 228 -14.30 3.08 -28.33
CA VAL A 228 -13.95 1.70 -28.59
C VAL A 228 -15.26 0.92 -28.76
N TYR A 229 -15.26 -0.07 -29.67
CA TYR A 229 -16.43 -0.79 -30.14
C TYR A 229 -16.21 -2.27 -30.02
N LYS A 230 -17.29 -3.05 -29.88
CA LYS A 230 -17.18 -4.49 -29.79
C LYS A 230 -16.98 -5.10 -31.19
N ASP A 231 -17.15 -4.30 -32.25
CA ASP A 231 -16.93 -4.81 -33.60
C ASP A 231 -16.32 -3.78 -34.55
N ALA A 232 -16.06 -4.29 -35.75
CA ALA A 232 -15.21 -3.60 -36.71
C ALA A 232 -16.04 -2.58 -37.45
N ASN A 233 -17.34 -2.52 -37.15
CA ASN A 233 -18.24 -1.72 -37.95
C ASN A 233 -18.87 -0.65 -37.09
N HIS A 234 -18.14 -0.25 -36.02
CA HIS A 234 -18.58 0.81 -35.15
C HIS A 234 -20.09 0.72 -34.92
N ASN A 235 -20.61 -0.49 -34.72
CA ASN A 235 -22.04 -0.63 -34.44
C ASN A 235 -22.24 -0.34 -32.94
N ASP A 236 -21.71 -1.24 -32.09
CA ASP A 236 -21.97 -1.36 -30.66
C ASP A 236 -20.73 -0.94 -29.86
N LYS A 237 -20.91 0.00 -28.94
CA LYS A 237 -19.83 0.56 -28.17
C LYS A 237 -19.47 -0.42 -27.10
N ASP A 238 -18.19 -0.56 -26.79
CA ASP A 238 -17.83 -1.34 -25.63
C ASP A 238 -18.37 -0.62 -24.39
N LYS A 239 -18.78 -1.35 -23.35
CA LYS A 239 -19.29 -0.73 -22.12
C LYS A 239 -19.20 -1.66 -20.90
N HIS A 240 -18.91 -1.11 -19.72
CA HIS A 240 -19.08 -1.89 -18.52
C HIS A 240 -20.50 -1.57 -18.06
N GLU A 241 -21.35 -2.60 -17.95
CA GLU A 241 -22.75 -2.41 -17.57
C GLU A 241 -22.88 -2.26 -16.06
N LEU A 242 -23.64 -1.25 -15.63
CA LEU A 242 -23.82 -1.01 -14.21
C LEU A 242 -25.31 -0.88 -14.00
N GLY A 243 -25.89 -1.60 -13.05
CA GLY A 243 -27.30 -1.44 -12.81
C GLY A 243 -27.53 -0.28 -11.84
N TRP A 244 -28.80 -0.04 -11.49
CA TRP A 244 -29.16 0.79 -10.34
C TRP A 244 -28.36 0.34 -9.12
N PRO A 245 -27.84 1.22 -8.24
CA PRO A 245 -28.17 2.65 -8.23
C PRO A 245 -27.20 3.52 -9.03
N PHE A 246 -26.33 2.89 -9.84
CA PHE A 246 -25.47 3.59 -10.75
C PHE A 246 -26.31 4.27 -11.85
N ILE A 247 -25.86 5.47 -12.28
CA ILE A 247 -26.64 6.32 -13.17
C ILE A 247 -26.50 5.94 -14.62
N SER A 248 -25.56 5.06 -14.93
CA SER A 248 -25.08 4.93 -16.30
C SER A 248 -24.16 3.73 -16.40
N ASN A 249 -24.18 3.12 -17.58
CA ASN A 249 -23.07 2.29 -18.04
C ASN A 249 -21.85 3.19 -18.30
N ILE A 250 -20.67 2.63 -18.08
CA ILE A 250 -19.42 3.30 -18.43
C ILE A 250 -19.06 2.98 -19.89
N TYR A 251 -19.12 3.97 -20.77
CA TYR A 251 -18.66 3.78 -22.13
C TYR A 251 -17.16 4.12 -22.17
N ILE A 252 -16.53 3.76 -23.31
CA ILE A 252 -15.09 3.49 -23.33
C ILE A 252 -14.54 4.19 -24.57
N THR A 253 -13.55 5.06 -24.32
CA THR A 253 -12.80 5.65 -25.42
C THR A 253 -11.40 5.01 -25.54
N ASP A 254 -10.78 5.39 -26.67
CA ASP A 254 -9.43 4.98 -27.12
C ASP A 254 -8.40 5.87 -26.39
N PRO A 255 -7.65 5.39 -25.40
CA PRO A 255 -6.66 6.23 -24.75
C PRO A 255 -5.58 6.78 -25.67
N ALA A 256 -5.39 6.18 -26.83
CA ALA A 256 -4.37 6.63 -27.80
C ALA A 256 -4.94 7.73 -28.71
N ASN A 257 -6.24 7.97 -28.65
CA ASN A 257 -6.87 8.93 -29.53
C ASN A 257 -6.47 10.31 -29.07
N THR A 258 -5.86 11.08 -29.95
CA THR A 258 -5.31 12.35 -29.49
C THR A 258 -6.46 13.32 -29.16
N ALA A 259 -7.64 13.23 -29.82
CA ALA A 259 -8.71 14.17 -29.49
C ALA A 259 -9.21 13.89 -28.06
N TRP A 260 -9.47 12.60 -27.79
CA TRP A 260 -9.67 12.10 -26.43
C TRP A 260 -8.60 12.62 -25.47
N GLN A 261 -7.33 12.44 -25.82
CA GLN A 261 -6.31 12.84 -24.86
C GLN A 261 -6.36 14.34 -24.54
N ASN A 262 -6.59 15.14 -25.56
CA ASN A 262 -6.52 16.59 -25.40
C ASN A 262 -7.76 17.01 -24.64
N TYR A 263 -8.91 16.36 -24.90
CA TYR A 263 -10.13 16.61 -24.14
C TYR A 263 -9.83 16.37 -22.65
N LEU A 264 -9.34 15.18 -22.35
CA LEU A 264 -9.19 14.79 -20.95
C LEU A 264 -8.12 15.60 -20.24
N ALA A 265 -7.10 16.05 -20.97
CA ALA A 265 -6.08 16.92 -20.38
C ALA A 265 -6.71 18.22 -19.90
N GLN A 266 -7.59 18.82 -20.75
CA GLN A 266 -8.39 19.97 -20.35
C GLN A 266 -9.24 19.68 -19.12
N LYS A 267 -9.85 18.49 -19.05
CA LYS A 267 -10.66 18.14 -17.89
C LYS A 267 -9.73 18.09 -16.70
N ASN A 268 -8.56 17.46 -16.84
CA ASN A 268 -7.64 17.36 -15.70
C ASN A 268 -7.17 18.72 -15.22
N ASP A 269 -6.83 19.59 -16.17
CA ASP A 269 -6.40 20.95 -15.84
C ASP A 269 -7.47 21.67 -15.02
N ASP A 270 -8.74 21.51 -15.41
CA ASP A 270 -9.80 22.20 -14.71
C ASP A 270 -9.82 21.74 -13.25
N VAL A 271 -9.63 20.43 -13.06
CA VAL A 271 -9.69 19.84 -11.75
C VAL A 271 -8.60 20.50 -10.91
N TYR A 272 -7.38 20.44 -11.46
CA TYR A 272 -6.20 20.93 -10.77
C TYR A 272 -6.37 22.41 -10.44
N LYS A 273 -7.07 23.17 -11.26
CA LYS A 273 -7.22 24.58 -10.94
C LYS A 273 -8.21 24.76 -9.80
N VAL A 274 -9.03 23.75 -9.49
CA VAL A 274 -10.05 23.92 -8.46
C VAL A 274 -9.70 23.15 -7.18
N TYR A 275 -9.22 21.92 -7.33
CA TYR A 275 -8.93 21.05 -6.20
C TYR A 275 -7.44 20.77 -6.27
N ASP A 276 -6.74 20.99 -5.16
N ASP A 276 -6.75 20.99 -5.14
CA ASP A 276 -5.28 20.97 -5.20
CA ASP A 276 -5.29 20.95 -5.04
C ASP A 276 -4.79 19.54 -5.04
C ASP A 276 -4.78 19.51 -5.02
N PHE A 277 -5.36 18.61 -5.83
CA PHE A 277 -4.74 17.29 -5.97
C PHE A 277 -3.26 17.37 -6.43
N ASP A 278 -2.45 16.43 -5.95
CA ASP A 278 -1.08 16.29 -6.44
C ASP A 278 -0.99 15.51 -7.72
N GLY A 279 -2.05 14.77 -8.06
CA GLY A 279 -1.96 13.95 -9.25
C GLY A 279 -3.27 13.20 -9.54
N PHE A 280 -3.20 12.32 -10.54
CA PHE A 280 -4.29 11.62 -11.19
C PHE A 280 -4.00 10.14 -10.99
N HIS A 281 -4.87 9.49 -10.21
CA HIS A 281 -4.85 8.02 -10.15
C HIS A 281 -5.68 7.50 -11.30
N ILE A 282 -5.03 6.99 -12.33
CA ILE A 282 -5.67 6.57 -13.56
C ILE A 282 -6.15 5.13 -13.31
N ASP A 283 -7.43 4.91 -13.49
CA ASP A 283 -8.03 3.59 -13.43
C ASP A 283 -8.56 3.15 -14.83
N GLN A 284 -8.98 1.87 -14.91
CA GLN A 284 -9.44 1.28 -16.15
C GLN A 284 -10.22 0.02 -15.77
N LEU A 285 -10.74 -0.67 -16.79
CA LEU A 285 -11.63 -1.75 -16.49
C LEU A 285 -10.96 -3.10 -16.75
N GLY A 286 -9.66 -3.09 -17.05
CA GLY A 286 -8.90 -4.26 -17.39
C GLY A 286 -9.20 -4.76 -18.80
N ASP A 287 -8.84 -6.01 -19.05
CA ASP A 287 -8.77 -6.55 -20.40
C ASP A 287 -10.17 -6.55 -20.95
N ARG A 288 -10.40 -5.93 -22.10
CA ARG A 288 -11.73 -5.90 -22.67
C ARG A 288 -11.91 -7.03 -23.67
N GLY A 289 -10.95 -7.98 -23.73
CA GLY A 289 -10.96 -8.94 -24.82
C GLY A 289 -10.78 -8.18 -26.13
N ASN A 290 -11.33 -8.74 -27.20
CA ASN A 290 -11.00 -8.31 -28.56
C ASN A 290 -11.94 -7.19 -29.00
N VAL A 291 -11.45 -5.98 -28.94
CA VAL A 291 -12.28 -4.84 -29.32
C VAL A 291 -11.57 -3.90 -30.32
N PHE A 292 -12.30 -2.88 -30.80
CA PHE A 292 -12.02 -2.24 -32.07
C PHE A 292 -12.17 -0.73 -31.92
N ARG A 293 -11.48 0.04 -32.79
CA ARG A 293 -11.62 1.48 -32.87
C ARG A 293 -12.76 1.75 -33.86
N TYR A 294 -13.10 3.05 -33.98
CA TYR A 294 -14.10 3.53 -34.91
C TYR A 294 -13.84 2.90 -36.29
N ASP A 295 -12.62 3.12 -36.81
CA ASP A 295 -12.27 2.65 -38.14
C ASP A 295 -12.05 1.13 -38.27
N GLY A 296 -12.29 0.31 -37.22
CA GLY A 296 -12.33 -1.14 -37.41
C GLY A 296 -11.03 -1.88 -37.04
N THR A 297 -9.97 -1.12 -36.72
CA THR A 297 -8.68 -1.66 -36.33
C THR A 297 -8.71 -2.06 -34.86
N ASN A 298 -7.83 -3.00 -34.47
CA ASN A 298 -7.76 -3.53 -33.11
C ASN A 298 -7.35 -2.39 -32.17
N ALA A 299 -8.17 -2.17 -31.14
CA ALA A 299 -7.97 -1.05 -30.22
C ALA A 299 -6.75 -1.31 -29.37
N ASP A 300 -6.47 -2.61 -29.16
CA ASP A 300 -5.33 -3.13 -28.38
C ASP A 300 -4.98 -2.13 -27.28
N LEU A 301 -5.85 -2.14 -26.28
CA LEU A 301 -5.78 -1.07 -25.28
C LEU A 301 -4.49 -1.02 -24.46
N LYS A 302 -3.88 -2.20 -24.10
CA LYS A 302 -2.65 -2.25 -23.32
C LYS A 302 -1.54 -1.42 -24.01
N ASN A 303 -1.48 -1.47 -25.35
CA ASN A 303 -0.59 -0.66 -26.19
C ASN A 303 -1.05 0.79 -26.42
N ALA A 304 -2.20 1.20 -25.86
CA ALA A 304 -2.68 2.55 -26.07
C ALA A 304 -2.34 3.35 -24.80
N PHE A 305 -2.22 2.66 -23.66
CA PHE A 305 -1.97 3.33 -22.43
C PHE A 305 -0.68 4.17 -22.43
N PRO A 306 0.46 3.69 -22.95
CA PRO A 306 1.69 4.46 -22.91
C PRO A 306 1.52 5.86 -23.47
N SER A 307 0.94 5.98 -24.68
CA SER A 307 0.80 7.32 -25.21
C SER A 307 -0.12 8.20 -24.37
N PHE A 308 -1.17 7.60 -23.82
CA PHE A 308 -2.08 8.27 -22.91
C PHE A 308 -1.31 8.87 -21.71
N ILE A 309 -0.57 8.01 -20.99
CA ILE A 309 0.17 8.43 -19.80
C ILE A 309 1.10 9.60 -20.14
N SER A 310 1.81 9.46 -21.25
CA SER A 310 2.78 10.48 -21.69
C SER A 310 2.07 11.82 -21.94
N ALA A 311 0.90 11.73 -22.59
CA ALA A 311 0.10 12.90 -22.97
C ALA A 311 -0.46 13.53 -21.69
N MET A 312 -0.92 12.72 -20.73
CA MET A 312 -1.44 13.27 -19.50
C MET A 312 -0.28 14.00 -18.75
N LYS A 313 0.86 13.33 -18.65
CA LYS A 313 1.98 13.97 -17.97
C LYS A 313 2.38 15.24 -18.70
N SER A 314 2.45 15.19 -20.03
CA SER A 314 2.90 16.34 -20.84
C SER A 314 2.02 17.57 -20.53
N ALA A 315 0.72 17.32 -20.29
CA ALA A 315 -0.25 18.40 -20.07
C ALA A 315 -0.18 18.99 -18.66
N ASN A 316 0.29 18.24 -17.68
CA ASN A 316 0.38 18.78 -16.33
C ASN A 316 1.63 18.21 -15.69
N THR A 317 2.80 18.76 -16.09
CA THR A 317 4.11 18.12 -15.84
C THR A 317 4.43 18.09 -14.34
N ASN A 318 3.72 18.91 -13.55
CA ASN A 318 3.89 19.11 -12.12
C ASN A 318 3.02 18.14 -11.31
N LYS A 319 2.27 17.24 -11.98
CA LYS A 319 1.26 16.45 -11.32
C LYS A 319 1.59 14.96 -11.46
N LYS A 320 1.46 14.22 -10.37
CA LYS A 320 1.86 12.81 -10.45
C LYS A 320 0.82 11.94 -11.14
N LEU A 321 1.31 10.81 -11.64
CA LEU A 321 0.48 9.79 -12.27
C LEU A 321 0.84 8.44 -11.65
N VAL A 322 -0.22 7.68 -11.35
CA VAL A 322 -0.20 6.26 -11.04
C VAL A 322 -1.31 5.63 -11.85
N MET A 323 -1.03 4.46 -12.41
CA MET A 323 -2.05 3.79 -13.22
C MET A 323 -2.24 2.33 -12.77
N ASN A 324 -3.50 1.96 -12.60
CA ASN A 324 -3.90 0.60 -12.22
C ASN A 324 -3.82 -0.34 -13.41
N ALA A 325 -2.90 -1.30 -13.34
CA ALA A 325 -2.89 -2.35 -14.34
C ALA A 325 -3.84 -3.43 -13.83
N VAL A 326 -5.11 -3.41 -14.26
CA VAL A 326 -6.07 -4.28 -13.66
C VAL A 326 -5.69 -5.71 -14.02
N ASN A 327 -5.45 -6.55 -13.00
CA ASN A 327 -5.02 -7.89 -13.18
C ASN A 327 -3.84 -7.91 -14.15
N GLN A 328 -3.02 -6.88 -14.06
CA GLN A 328 -1.78 -6.76 -14.84
C GLN A 328 -1.97 -6.34 -16.30
N TYR A 329 -3.20 -6.10 -16.72
CA TYR A 329 -3.48 -5.68 -18.09
C TYR A 329 -2.87 -4.28 -18.35
N GLY A 330 -1.81 -4.29 -19.18
CA GLY A 330 -1.12 -3.03 -19.48
C GLY A 330 0.21 -2.88 -18.75
N GLN A 331 0.48 -3.73 -17.75
CA GLN A 331 1.61 -3.44 -16.88
C GLN A 331 2.91 -3.45 -17.67
N LYS A 332 3.12 -4.47 -18.51
CA LYS A 332 4.39 -4.50 -19.19
C LYS A 332 4.56 -3.24 -20.02
N GLU A 333 3.44 -2.79 -20.62
CA GLU A 333 3.47 -1.76 -21.65
C GLU A 333 3.72 -0.39 -20.97
N ILE A 334 3.30 -0.25 -19.72
CA ILE A 334 3.28 1.06 -19.03
C ILE A 334 4.43 1.17 -18.00
N ALA A 335 5.22 0.09 -17.77
CA ALA A 335 6.08 0.06 -16.59
C ALA A 335 7.28 1.03 -16.74
N GLY A 336 7.60 1.36 -18.02
CA GLY A 336 8.66 2.27 -18.46
C GLY A 336 8.23 3.73 -18.63
N LYS A 337 6.99 4.05 -18.31
CA LYS A 337 6.44 5.38 -18.62
C LYS A 337 6.54 6.23 -17.36
N GLU A 338 5.97 7.45 -17.38
CA GLU A 338 6.11 8.39 -16.27
CA GLU A 338 6.17 8.36 -16.24
C GLU A 338 5.09 8.18 -15.17
N LEU A 339 5.21 7.04 -14.48
CA LEU A 339 4.41 6.68 -13.33
C LEU A 339 5.26 6.71 -12.06
N ASP A 340 4.68 7.23 -10.96
CA ASP A 340 5.48 7.35 -9.75
C ASP A 340 5.94 5.99 -9.23
N PHE A 341 5.06 4.99 -9.30
CA PHE A 341 5.32 3.62 -8.90
C PHE A 341 4.23 2.77 -9.58
N LEU A 342 4.28 1.45 -9.40
CA LEU A 342 3.37 0.59 -10.13
C LEU A 342 2.28 0.10 -9.17
N TYR A 343 1.16 -0.23 -9.77
CA TYR A 343 -0.08 -0.55 -9.08
C TYR A 343 -0.75 -1.69 -9.83
N THR A 344 -1.15 -2.68 -9.04
CA THR A 344 -1.85 -3.80 -9.62
C THR A 344 -3.03 -4.17 -8.72
N GLU A 345 -4.22 -4.22 -9.37
CA GLU A 345 -5.44 -4.71 -8.77
C GLU A 345 -5.48 -6.19 -9.09
N VAL A 346 -5.55 -7.05 -8.06
CA VAL A 346 -5.28 -8.47 -8.22
C VAL A 346 -6.57 -9.26 -8.28
N TRP A 347 -6.72 -10.08 -9.32
CA TRP A 347 -7.90 -10.92 -9.52
C TRP A 347 -7.49 -12.30 -9.92
N SER A 348 -8.49 -13.15 -10.06
CA SER A 348 -8.34 -14.49 -10.54
C SER A 348 -7.73 -14.41 -11.95
N PRO A 349 -6.74 -15.24 -12.29
CA PRO A 349 -6.38 -16.40 -11.49
C PRO A 349 -5.19 -16.31 -10.53
N ASN A 350 -4.88 -15.08 -10.15
CA ASN A 350 -3.78 -14.76 -9.31
C ASN A 350 -4.24 -14.81 -7.86
N GLU A 351 -4.62 -16.00 -7.41
CA GLU A 351 -5.27 -16.13 -6.09
C GLU A 351 -4.35 -16.73 -5.02
N GLY A 352 -3.21 -17.32 -5.43
CA GLY A 352 -2.25 -17.86 -4.48
C GLY A 352 -1.32 -16.85 -3.83
N PHE A 353 -0.83 -17.13 -2.60
CA PHE A 353 0.27 -16.32 -2.06
C PHE A 353 1.38 -16.19 -3.16
N LYS A 354 1.72 -17.26 -3.83
CA LYS A 354 2.81 -17.28 -4.84
C LYS A 354 2.44 -16.38 -6.04
N ASP A 355 1.15 -16.10 -6.22
CA ASP A 355 0.66 -15.22 -7.28
C ASP A 355 0.84 -13.74 -6.93
N LEU A 356 0.79 -13.41 -5.67
CA LEU A 356 1.13 -12.05 -5.33
C LEU A 356 2.63 -11.76 -5.51
N THR A 357 3.48 -12.69 -5.09
CA THR A 357 4.88 -12.53 -5.30
C THR A 357 5.25 -12.58 -6.78
N GLN A 358 4.55 -13.34 -7.62
CA GLN A 358 4.75 -13.31 -9.08
C GLN A 358 4.46 -11.88 -9.59
N VAL A 359 3.43 -11.22 -9.10
CA VAL A 359 3.13 -9.88 -9.59
C VAL A 359 4.28 -8.95 -9.21
N LEU A 360 4.78 -9.09 -7.98
CA LEU A 360 5.81 -8.21 -7.46
C LEU A 360 7.12 -8.45 -8.23
N THR A 361 7.37 -9.72 -8.57
CA THR A 361 8.59 -10.06 -9.30
C THR A 361 8.46 -9.59 -10.75
N ASP A 362 7.27 -9.68 -11.30
CA ASP A 362 7.10 -9.24 -12.70
C ASP A 362 7.17 -7.73 -12.82
N ASN A 363 6.53 -7.00 -11.92
CA ASN A 363 6.62 -5.55 -11.85
C ASN A 363 8.04 -5.07 -11.72
N ALA A 364 8.86 -5.74 -10.93
CA ALA A 364 10.24 -5.33 -10.82
C ALA A 364 10.88 -5.50 -12.20
N ALA A 365 10.58 -6.58 -12.87
CA ALA A 365 11.27 -6.90 -14.08
C ALA A 365 10.77 -5.96 -15.15
N TYR A 366 9.44 -5.68 -15.17
CA TYR A 366 8.93 -4.80 -16.27
C TYR A 366 9.52 -3.36 -16.16
N SER A 367 9.76 -2.94 -14.90
CA SER A 367 10.25 -1.60 -14.55
C SER A 367 11.77 -1.53 -14.51
N ASN A 368 12.41 -2.69 -14.75
CA ASN A 368 13.84 -2.83 -14.67
C ASN A 368 14.34 -2.40 -13.30
N ASN A 369 13.59 -2.80 -12.31
CA ASN A 369 13.95 -2.55 -10.93
C ASN A 369 13.93 -1.06 -10.57
N SER A 370 13.11 -0.23 -11.25
CA SER A 370 13.07 1.18 -11.03
C SER A 370 11.95 1.52 -10.04
N LYS A 371 10.91 0.63 -9.92
CA LYS A 371 9.63 1.00 -9.32
C LYS A 371 9.18 -0.09 -8.38
N ASN A 372 8.71 0.36 -7.23
CA ASN A 372 8.05 -0.50 -6.29
C ASN A 372 6.57 -0.62 -6.64
N THR A 373 5.88 -1.57 -6.00
CA THR A 373 4.50 -1.81 -6.31
C THR A 373 3.53 -1.69 -5.11
N VAL A 374 2.37 -1.13 -5.41
CA VAL A 374 1.19 -1.23 -4.58
C VAL A 374 0.23 -2.26 -5.21
N LEU A 375 -0.22 -3.17 -4.35
CA LEU A 375 -1.31 -4.10 -4.62
C LEU A 375 -2.67 -3.69 -4.00
N ALA A 376 -3.66 -3.64 -4.90
CA ALA A 376 -5.03 -3.61 -4.50
C ALA A 376 -5.45 -5.08 -4.55
N ALA A 377 -5.82 -5.56 -3.37
CA ALA A 377 -6.08 -6.98 -3.26
C ALA A 377 -7.07 -7.21 -2.12
N TYR A 378 -8.33 -7.23 -2.51
CA TYR A 378 -9.41 -7.03 -1.58
C TYR A 378 -9.64 -8.30 -0.76
N MET A 379 -9.41 -8.14 0.54
CA MET A 379 -9.44 -9.27 1.46
C MET A 379 -10.88 -9.64 1.81
N ASN A 380 -11.15 -10.94 2.01
CA ASN A 380 -12.39 -11.40 2.66
C ASN A 380 -13.59 -11.00 1.80
N TYR A 381 -13.34 -11.07 0.50
CA TYR A 381 -14.18 -10.46 -0.54
C TYR A 381 -15.61 -11.03 -0.51
N ASN A 382 -15.75 -12.37 -0.44
CA ASN A 382 -17.08 -12.91 -0.48
C ASN A 382 -17.78 -12.63 0.83
N LYS A 383 -16.95 -12.67 1.87
CA LYS A 383 -17.53 -12.45 3.20
C LYS A 383 -18.18 -11.07 3.24
N ALA A 384 -17.55 -10.16 2.50
CA ALA A 384 -17.94 -8.77 2.50
C ALA A 384 -19.26 -8.58 1.73
N ASN A 385 -19.92 -9.68 1.30
CA ASN A 385 -21.31 -9.58 0.83
C ASN A 385 -22.25 -9.18 1.97
N ASN A 386 -21.84 -9.25 3.23
CA ASN A 386 -22.69 -8.91 4.35
C ASN A 386 -21.90 -8.23 5.47
N GLN A 387 -22.60 -7.49 6.33
CA GLN A 387 -22.05 -6.95 7.55
C GLN A 387 -21.24 -8.09 8.18
N GLY A 388 -20.03 -7.81 8.63
CA GLY A 388 -19.36 -8.74 9.52
C GLY A 388 -17.98 -8.21 9.91
N MET A 389 -17.10 -9.08 10.41
CA MET A 389 -15.72 -8.75 10.75
C MET A 389 -14.77 -9.30 9.68
N PHE A 390 -13.75 -8.53 9.33
CA PHE A 390 -12.53 -9.06 8.76
C PHE A 390 -11.94 -10.18 9.61
N ASN A 391 -11.49 -11.23 8.89
CA ASN A 391 -10.80 -12.36 9.49
C ASN A 391 -9.36 -11.91 9.72
N THR A 392 -9.00 -11.63 10.99
CA THR A 392 -7.69 -11.05 11.36
C THR A 392 -6.51 -11.85 10.77
N PRO A 393 -6.33 -13.14 11.07
CA PRO A 393 -5.24 -13.92 10.50
C PRO A 393 -5.12 -13.92 9.02
N GLY A 394 -6.24 -13.84 8.29
CA GLY A 394 -6.12 -13.81 6.82
C GLY A 394 -5.52 -12.49 6.35
N VAL A 395 -6.03 -11.41 6.94
CA VAL A 395 -5.51 -10.08 6.65
C VAL A 395 -4.01 -10.01 7.00
N LEU A 396 -3.60 -10.54 8.17
CA LEU A 396 -2.22 -10.41 8.61
C LEU A 396 -1.28 -11.31 7.77
N LEU A 397 -1.66 -12.53 7.50
CA LEU A 397 -0.81 -13.40 6.72
C LEU A 397 -0.55 -12.75 5.35
N THR A 398 -1.59 -12.18 4.75
CA THR A 398 -1.50 -11.50 3.46
C THR A 398 -0.50 -10.35 3.50
N ASP A 399 -0.63 -9.46 4.45
CA ASP A 399 0.27 -8.34 4.51
C ASP A 399 1.68 -8.81 4.89
N ALA A 400 1.82 -9.88 5.70
CA ALA A 400 3.16 -10.44 5.90
C ALA A 400 3.81 -10.81 4.56
N VAL A 401 3.13 -11.54 3.71
CA VAL A 401 3.75 -11.92 2.45
C VAL A 401 4.04 -10.65 1.64
N ILE A 402 3.02 -9.81 1.45
CA ILE A 402 3.21 -8.60 0.67
C ILE A 402 4.44 -7.81 1.18
N PHE A 403 4.50 -7.51 2.50
CA PHE A 403 5.48 -6.62 3.07
C PHE A 403 6.84 -7.28 3.00
N ALA A 404 6.87 -8.56 3.29
CA ALA A 404 8.11 -9.31 3.32
C ALA A 404 8.83 -9.27 1.95
N PHE A 405 8.05 -9.38 0.86
CA PHE A 405 8.53 -9.30 -0.49
C PHE A 405 8.67 -7.86 -1.03
N GLY A 406 8.62 -6.80 -0.20
CA GLY A 406 8.82 -5.46 -0.72
C GLY A 406 7.62 -4.86 -1.47
N GLY A 407 6.47 -5.49 -1.31
CA GLY A 407 5.26 -4.83 -1.77
C GLY A 407 4.64 -3.92 -0.69
N SER A 408 3.46 -3.41 -1.08
CA SER A 408 2.65 -2.50 -0.31
C SER A 408 1.20 -2.81 -0.68
N HIS A 409 0.27 -2.65 0.25
CA HIS A 409 -1.12 -2.99 0.07
C HIS A 409 -2.02 -1.79 0.27
N LEU A 410 -2.76 -1.45 -0.81
CA LEU A 410 -3.82 -0.46 -0.71
C LEU A 410 -5.07 -1.08 -0.12
N GLU A 411 -5.32 -0.75 1.17
CA GLU A 411 -6.36 -1.44 1.89
C GLU A 411 -7.04 -0.55 2.94
N LEU A 412 -6.47 0.62 3.27
CA LEU A 412 -7.02 1.42 4.40
C LEU A 412 -7.52 2.77 3.92
N GLY A 413 -8.71 3.07 4.36
CA GLY A 413 -9.28 4.40 4.24
C GLY A 413 -10.09 4.78 5.47
N GLU A 414 -11.35 5.11 5.26
CA GLU A 414 -12.26 5.27 6.38
C GLU A 414 -12.54 3.92 7.07
N HIS A 415 -12.38 2.83 6.34
CA HIS A 415 -12.50 1.46 6.75
C HIS A 415 -11.49 0.70 5.92
N MET A 416 -11.40 -0.62 6.06
CA MET A 416 -10.61 -1.46 5.22
C MET A 416 -11.44 -2.02 4.05
N LEU A 417 -10.75 -2.20 2.89
CA LEU A 417 -11.38 -2.63 1.67
C LEU A 417 -11.79 -4.08 1.74
N GLY A 418 -13.05 -4.30 1.40
CA GLY A 418 -13.60 -5.63 1.22
C GLY A 418 -13.94 -5.91 -0.24
N LYS A 419 -14.00 -4.84 -1.05
CA LYS A 419 -14.50 -4.95 -2.40
C LYS A 419 -13.88 -3.88 -3.27
N GLU A 420 -13.92 -4.05 -4.60
CA GLU A 420 -13.37 -3.03 -5.51
C GLU A 420 -14.16 -1.70 -5.49
N TYR A 421 -15.45 -1.75 -5.07
CA TYR A 421 -16.24 -0.53 -4.82
C TYR A 421 -15.87 0.01 -3.44
N PHE A 422 -14.96 0.95 -3.39
CA PHE A 422 -14.29 1.27 -2.15
C PHE A 422 -15.28 1.72 -1.05
N PRO A 423 -16.42 2.41 -1.31
CA PRO A 423 -17.32 2.79 -0.23
C PRO A 423 -17.95 1.64 0.53
N ASN A 424 -17.84 0.39 -0.01
CA ASN A 424 -18.37 -0.78 0.67
C ASN A 424 -17.63 -0.94 2.03
N LYS A 425 -18.42 -0.85 3.12
CA LYS A 425 -17.84 -0.93 4.45
C LYS A 425 -18.53 -2.01 5.23
N ASN A 426 -18.97 -3.04 4.51
CA ASN A 426 -19.67 -4.13 5.23
C ASN A 426 -18.79 -4.77 6.34
N LEU A 427 -17.49 -4.98 6.14
CA LEU A 427 -16.65 -5.64 7.12
C LEU A 427 -15.96 -4.60 8.02
N SER A 428 -16.02 -4.80 9.34
CA SER A 428 -15.20 -4.05 10.29
C SER A 428 -13.92 -4.83 10.69
N MET A 429 -12.91 -4.06 11.18
CA MET A 429 -11.70 -4.56 11.82
C MET A 429 -11.86 -4.66 13.32
N SER A 430 -11.48 -5.81 13.93
CA SER A 430 -11.54 -5.93 15.39
C SER A 430 -10.49 -4.94 15.95
N ALA A 431 -10.59 -4.59 17.24
CA ALA A 431 -9.59 -3.79 17.90
C ALA A 431 -8.24 -4.49 17.88
N GLU A 432 -8.26 -5.82 17.87
CA GLU A 432 -7.06 -6.63 17.80
C GLU A 432 -6.45 -6.41 16.43
N LEU A 433 -7.26 -6.53 15.35
CA LEU A 433 -6.68 -6.40 14.01
C LEU A 433 -6.09 -4.99 13.89
N LYS A 434 -6.82 -3.96 14.32
CA LYS A 434 -6.35 -2.60 14.23
C LYS A 434 -4.95 -2.42 14.84
N SER A 435 -4.81 -2.84 16.10
CA SER A 435 -3.60 -2.91 16.90
C SER A 435 -2.45 -3.59 16.14
N SER A 436 -2.68 -4.83 15.78
CA SER A 436 -1.77 -5.63 14.96
C SER A 436 -1.36 -4.97 13.65
N LEU A 437 -2.33 -4.46 12.88
CA LEU A 437 -2.00 -3.88 11.60
C LEU A 437 -1.17 -2.61 11.74
N LEU A 438 -1.49 -1.78 12.72
CA LEU A 438 -0.57 -0.70 13.05
C LEU A 438 0.86 -1.21 13.25
N GLU A 439 1.07 -2.33 13.98
CA GLU A 439 2.42 -2.82 14.12
C GLU A 439 3.04 -3.28 12.77
N TYR A 440 2.22 -3.87 11.89
CA TYR A 440 2.63 -4.29 10.56
C TYR A 440 2.98 -3.07 9.70
N TYR A 441 2.23 -1.95 9.82
CA TYR A 441 2.63 -0.74 9.11
C TYR A 441 3.90 -0.11 9.71
N ASP A 442 4.04 -0.11 11.04
CA ASP A 442 5.24 0.37 11.70
C ASP A 442 6.46 -0.35 11.11
N PHE A 443 6.29 -1.67 11.00
CA PHE A 443 7.35 -2.56 10.66
C PHE A 443 7.82 -2.31 9.21
N MET A 444 6.86 -2.19 8.27
CA MET A 444 7.15 -2.08 6.85
C MET A 444 7.65 -0.66 6.57
N THR A 445 7.38 0.26 7.48
CA THR A 445 7.96 1.61 7.43
C THR A 445 9.39 1.51 8.01
N ALA A 446 9.54 1.16 9.31
CA ALA A 446 10.84 1.18 9.91
C ALA A 446 11.93 0.53 9.02
N TYR A 447 11.56 -0.59 8.42
CA TYR A 447 12.53 -1.55 7.84
C TYR A 447 12.39 -1.51 6.33
N GLN A 448 11.78 -0.43 5.82
CA GLN A 448 11.66 -0.25 4.35
C GLN A 448 12.99 -0.37 3.60
N ASN A 449 14.11 0.00 4.28
CA ASN A 449 15.38 0.05 3.59
C ASN A 449 15.82 -1.40 3.31
N LEU A 450 15.26 -2.34 4.08
CA LEU A 450 15.63 -3.74 3.99
C LEU A 450 14.64 -4.49 3.10
N LEU A 451 13.41 -3.99 3.08
CA LEU A 451 12.33 -4.73 2.44
C LEU A 451 12.26 -4.37 0.96
N ARG A 452 12.48 -3.08 0.58
CA ARG A 452 12.14 -2.67 -0.78
C ARG A 452 13.05 -1.51 -1.25
N ASP A 453 14.33 -1.60 -0.94
CA ASP A 453 15.27 -0.55 -1.37
C ASP A 453 16.50 -1.18 -1.97
N GLY A 454 16.28 -2.18 -2.82
CA GLY A 454 17.37 -2.83 -3.53
C GLY A 454 17.79 -4.15 -2.85
N GLY A 455 18.52 -4.95 -3.62
CA GLY A 455 19.03 -6.22 -3.17
C GLY A 455 18.55 -7.36 -4.07
N THR A 456 19.05 -8.57 -3.79
CA THR A 456 18.83 -9.74 -4.59
C THR A 456 18.20 -10.83 -3.72
N TYR A 457 17.14 -11.52 -4.23
CA TYR A 457 16.48 -12.62 -3.52
C TYR A 457 17.36 -13.85 -3.67
N THR A 458 17.70 -14.48 -2.55
CA THR A 458 18.39 -15.73 -2.54
C THR A 458 17.67 -16.76 -1.69
N ASN A 459 17.96 -18.00 -1.96
CA ASN A 459 17.52 -19.05 -1.07
C ASN A 459 18.50 -19.21 0.09
N PRO A 460 18.14 -18.91 1.35
CA PRO A 460 19.11 -19.15 2.43
C PRO A 460 19.30 -20.63 2.76
N THR A 461 20.51 -21.04 3.12
CA THR A 461 20.73 -22.43 3.50
C THR A 461 20.60 -22.50 5.01
N ILE A 462 19.38 -22.83 5.39
CA ILE A 462 18.94 -22.85 6.75
C ILE A 462 18.13 -24.14 6.98
N ALA A 463 18.11 -24.55 8.25
CA ALA A 463 17.69 -25.86 8.65
C ALA A 463 17.29 -25.74 10.10
N THR A 464 16.27 -26.46 10.55
CA THR A 464 15.89 -26.40 11.94
C THR A 464 16.99 -27.11 12.70
N GLY A 465 17.24 -26.57 13.89
CA GLY A 465 18.17 -27.11 14.86
C GLY A 465 17.48 -28.00 15.88
N ASP A 466 16.16 -27.92 16.02
CA ASP A 466 15.48 -28.60 17.11
C ASP A 466 14.14 -29.20 16.71
N GLY A 467 13.88 -29.42 15.40
CA GLY A 467 12.60 -29.94 14.94
C GLY A 467 11.39 -29.00 15.13
N LYS A 468 11.57 -27.80 15.68
CA LYS A 468 10.39 -27.02 16.06
C LYS A 468 9.78 -26.37 14.84
N LEU A 469 10.59 -26.17 13.78
CA LEU A 469 10.14 -25.54 12.53
C LEU A 469 10.30 -26.58 11.44
N ASN A 470 9.29 -26.65 10.60
CA ASN A 470 9.25 -27.45 9.42
C ASN A 470 9.48 -26.49 8.28
N LEU A 471 10.75 -26.40 7.85
CA LEU A 471 11.26 -25.32 7.04
C LEU A 471 11.24 -25.69 5.56
N GLY A 472 10.85 -24.75 4.73
CA GLY A 472 10.82 -24.91 3.32
C GLY A 472 11.21 -23.55 2.72
N SER A 473 11.22 -23.50 1.40
CA SER A 473 11.47 -22.31 0.60
C SER A 473 10.18 -21.63 0.23
N TRP A 474 10.31 -20.69 -0.69
CA TRP A 474 9.20 -20.02 -1.32
C TRP A 474 9.22 -20.58 -2.75
N PRO A 475 8.07 -20.85 -3.38
CA PRO A 475 6.76 -20.61 -2.79
C PRO A 475 6.33 -21.62 -1.71
N PRO A 476 5.31 -21.25 -0.94
CA PRO A 476 5.00 -21.94 0.31
C PRO A 476 4.13 -23.16 0.09
N THR A 477 4.18 -23.94 1.18
CA THR A 477 3.56 -25.23 1.41
C THR A 477 2.82 -25.19 2.77
N MET A 478 1.53 -25.57 2.73
CA MET A 478 0.73 -25.65 3.96
C MET A 478 1.40 -26.71 4.85
N GLY A 479 1.65 -26.34 6.12
CA GLY A 479 2.32 -27.16 7.10
C GLY A 479 3.78 -26.78 7.34
N LYS A 480 4.29 -25.82 6.54
CA LYS A 480 5.69 -25.44 6.53
C LYS A 480 5.87 -23.94 6.76
N VAL A 481 7.01 -23.61 7.40
CA VAL A 481 7.53 -22.26 7.45
C VAL A 481 8.41 -22.00 6.23
N ALA A 482 8.08 -20.95 5.48
CA ALA A 482 8.80 -20.66 4.26
C ALA A 482 9.90 -19.66 4.65
N ALA A 483 11.12 -19.97 4.25
CA ALA A 483 12.22 -19.03 4.41
C ALA A 483 12.56 -18.39 3.06
N VAL A 484 12.63 -17.05 3.10
CA VAL A 484 12.85 -16.13 2.00
C VAL A 484 14.13 -15.34 2.35
N GLY A 485 15.10 -15.25 1.40
CA GLY A 485 16.39 -14.62 1.64
C GLY A 485 16.53 -13.43 0.71
N LYS A 486 17.13 -12.36 1.23
CA LYS A 486 17.50 -11.19 0.42
C LYS A 486 18.85 -10.66 0.87
N GLN A 487 19.74 -10.51 -0.09
CA GLN A 487 21.00 -9.87 0.12
C GLN A 487 20.75 -8.41 -0.10
N VAL A 488 20.94 -7.63 0.95
CA VAL A 488 20.74 -6.19 0.86
C VAL A 488 21.97 -5.48 1.35
N GLY A 489 22.67 -4.91 0.38
CA GLY A 489 24.04 -4.50 0.59
C GLY A 489 24.78 -5.59 1.33
N SER A 490 25.46 -5.19 2.40
CA SER A 490 26.26 -6.18 3.11
C SER A 490 25.42 -6.94 4.15
N ARG A 491 24.09 -6.79 4.15
CA ARG A 491 23.32 -7.62 5.07
C ARG A 491 22.72 -8.83 4.35
N GLU A 492 22.54 -9.91 5.11
CA GLU A 492 21.73 -11.07 4.73
C GLU A 492 20.42 -11.02 5.56
N ILE A 493 19.30 -10.90 4.86
CA ILE A 493 17.99 -10.91 5.47
C ILE A 493 17.32 -12.28 5.23
N ILE A 494 16.74 -12.78 6.31
CA ILE A 494 15.94 -14.01 6.28
C ILE A 494 14.55 -13.75 6.85
N HIS A 495 13.56 -13.94 6.03
CA HIS A 495 12.18 -13.84 6.40
C HIS A 495 11.64 -15.27 6.60
N LEU A 496 11.01 -15.42 7.77
CA LEU A 496 10.27 -16.64 8.06
C LEU A 496 8.80 -16.26 8.02
N LEU A 497 8.09 -16.97 7.10
CA LEU A 497 6.69 -16.76 6.88
C LEU A 497 5.93 -18.05 7.22
N ASN A 498 5.02 -17.97 8.17
CA ASN A 498 4.55 -19.22 8.82
C ASN A 498 3.26 -19.76 8.19
N PHE A 499 3.36 -20.90 7.44
CA PHE A 499 2.19 -21.59 6.87
C PHE A 499 1.88 -22.88 7.63
N THR A 500 2.50 -23.06 8.80
CA THR A 500 2.36 -24.29 9.59
C THR A 500 0.89 -24.69 9.78
N ASN A 501 0.04 -23.69 10.04
CA ASN A 501 -1.36 -23.93 10.40
C ASN A 501 -2.27 -23.49 9.24
N ALA A 502 -1.69 -23.17 8.07
CA ALA A 502 -2.50 -22.68 7.00
C ALA A 502 -3.41 -23.77 6.45
N ASN A 503 -4.65 -23.34 6.22
CA ASN A 503 -5.64 -24.30 5.68
C ASN A 503 -6.00 -23.91 4.26
N SER A 504 -5.29 -22.94 3.71
CA SER A 504 -5.35 -22.62 2.30
C SER A 504 -4.09 -21.79 1.96
N LEU A 505 -3.69 -21.80 0.71
CA LEU A 505 -2.70 -20.80 0.24
C LEU A 505 -3.29 -19.69 -0.63
N ASN A 506 -4.64 -19.52 -0.65
CA ASN A 506 -5.28 -18.42 -1.35
C ASN A 506 -5.24 -17.18 -0.47
N TRP A 507 -4.68 -16.09 -0.97
CA TRP A 507 -4.38 -14.87 -0.19
C TRP A 507 -5.63 -14.12 0.20
N ARG A 508 -6.65 -14.22 -0.64
CA ARG A 508 -7.84 -13.39 -0.45
C ARG A 508 -8.64 -13.81 0.82
N ASP A 509 -8.46 -15.07 1.23
CA ASP A 509 -9.18 -15.61 2.35
C ASP A 509 -10.66 -15.24 2.22
N THR A 510 -11.24 -15.56 1.05
CA THR A 510 -12.47 -14.91 0.62
C THR A 510 -13.62 -15.07 1.64
N ASP A 511 -13.64 -16.21 2.35
CA ASP A 511 -14.73 -16.59 3.26
C ASP A 511 -14.29 -16.44 4.72
N GLY A 512 -13.09 -15.94 4.94
CA GLY A 512 -12.58 -15.68 6.26
C GLY A 512 -12.29 -16.95 7.06
N THR A 513 -11.62 -17.96 6.48
CA THR A 513 -11.41 -19.24 7.16
C THR A 513 -9.96 -19.51 7.60
N GLN A 514 -9.05 -18.63 7.15
CA GLN A 514 -7.64 -18.83 7.40
C GLN A 514 -7.39 -18.92 8.93
N ASN A 515 -6.46 -19.80 9.30
CA ASN A 515 -6.19 -20.03 10.71
C ASN A 515 -5.28 -18.96 11.31
N VAL A 516 -5.42 -18.71 12.62
CA VAL A 516 -4.43 -17.94 13.35
C VAL A 516 -3.27 -18.92 13.58
N PRO A 517 -1.99 -18.61 13.28
CA PRO A 517 -0.92 -19.56 13.50
C PRO A 517 -0.56 -19.70 14.98
N ASP A 518 -0.32 -20.94 15.42
CA ASP A 518 0.23 -21.15 16.78
C ASP A 518 1.59 -20.43 16.86
N LEU A 519 1.92 -19.79 17.98
CA LEU A 519 3.28 -19.29 18.17
C LEU A 519 4.28 -20.44 18.24
N ILE A 520 5.40 -20.31 17.55
CA ILE A 520 6.55 -21.18 17.75
C ILE A 520 7.59 -20.38 18.53
N LYS A 521 8.21 -21.00 19.54
CA LYS A 521 9.07 -20.18 20.40
C LYS A 521 10.46 -20.79 20.52
N GLN A 522 11.47 -19.89 20.52
CA GLN A 522 12.84 -20.29 20.81
C GLN A 522 13.30 -21.40 19.87
N ALA A 523 13.02 -21.24 18.58
CA ALA A 523 13.28 -22.25 17.57
C ALA A 523 14.74 -22.09 17.12
N MET A 524 15.53 -23.14 17.33
CA MET A 524 16.93 -23.13 16.92
C MET A 524 16.99 -23.25 15.38
N LEU A 525 17.80 -22.38 14.78
CA LEU A 525 18.11 -22.39 13.37
C LEU A 525 19.62 -22.58 13.18
N ASN A 526 20.00 -23.38 12.18
CA ASN A 526 21.35 -23.54 11.65
C ASN A 526 21.43 -22.87 10.26
N LEU A 527 22.40 -21.96 10.11
CA LEU A 527 22.57 -21.13 8.92
C LEU A 527 24.00 -21.31 8.41
N ASN A 528 24.15 -21.72 7.16
CA ASN A 528 25.45 -21.64 6.53
C ASN A 528 25.66 -20.20 6.10
N HIS A 529 26.79 -19.64 6.53
CA HIS A 529 27.11 -18.26 6.15
C HIS A 529 28.62 -18.16 6.23
N SER A 530 29.27 -18.11 5.08
CA SER A 530 30.70 -17.86 5.12
C SER A 530 30.75 -16.34 5.09
N GLY A 531 31.83 -15.83 5.66
CA GLY A 531 31.85 -14.45 6.06
C GLY A 531 31.65 -14.43 7.57
N LYS A 532 32.54 -13.72 8.25
CA LYS A 532 32.45 -13.60 9.70
C LYS A 532 31.10 -12.97 10.00
N VAL A 533 30.43 -13.49 11.01
CA VAL A 533 29.26 -12.78 11.47
C VAL A 533 29.65 -11.87 12.65
N THR A 534 29.11 -10.65 12.65
CA THR A 534 29.34 -9.67 13.71
C THR A 534 28.14 -9.56 14.63
N LYS A 535 26.98 -9.47 14.01
CA LYS A 535 25.75 -9.29 14.74
C LYS A 535 24.65 -9.99 13.92
N ILE A 536 23.76 -10.65 14.64
CA ILE A 536 22.48 -11.13 14.14
C ILE A 536 21.35 -10.49 14.93
N TRP A 537 20.32 -9.95 14.26
CA TRP A 537 19.22 -9.41 15.02
C TRP A 537 17.91 -9.83 14.38
N TYR A 538 16.88 -9.80 15.24
CA TYR A 538 15.54 -10.26 14.97
C TYR A 538 14.56 -9.09 15.08
N ALA A 539 13.59 -9.02 14.14
CA ALA A 539 12.44 -8.16 14.32
C ALA A 539 11.25 -8.87 13.68
N SER A 540 10.12 -8.70 14.35
CA SER A 540 8.83 -9.20 13.92
C SER A 540 7.79 -8.16 14.33
N PRO A 541 6.77 -7.90 13.49
CA PRO A 541 5.60 -7.13 13.94
C PRO A 541 4.69 -7.89 14.91
N ASP A 542 4.95 -9.18 15.06
CA ASP A 542 4.17 -9.93 16.04
C ASP A 542 4.81 -9.94 17.42
N TYR A 543 6.02 -9.43 17.61
CA TYR A 543 6.74 -9.62 18.86
C TYR A 543 7.50 -8.37 19.22
N ASN A 544 7.25 -7.84 20.41
CA ASN A 544 7.87 -6.61 20.89
C ASN A 544 7.73 -5.39 19.97
N GLY A 545 6.55 -5.22 19.35
CA GLY A 545 6.26 -4.05 18.54
C GLY A 545 7.22 -3.86 17.36
N GLY A 546 7.88 -4.99 16.92
CA GLY A 546 8.84 -4.97 15.83
C GLY A 546 10.20 -4.30 16.10
N ALA A 547 10.48 -4.06 17.33
CA ALA A 547 11.77 -3.53 17.72
C ALA A 547 12.81 -4.61 17.56
N ALA A 548 14.00 -4.22 17.13
CA ALA A 548 15.12 -5.13 16.99
C ALA A 548 15.53 -5.75 18.33
N VAL A 549 15.79 -7.06 18.31
CA VAL A 549 16.42 -7.81 19.39
C VAL A 549 17.71 -8.44 18.87
N GLU A 550 18.84 -8.17 19.48
CA GLU A 550 20.08 -8.82 19.07
C GLU A 550 20.04 -10.27 19.58
N LEU A 551 20.40 -11.25 18.73
CA LEU A 551 20.51 -12.62 19.19
C LEU A 551 21.97 -13.00 19.48
N SER A 552 22.12 -13.81 20.51
CA SER A 552 23.27 -14.68 20.68
C SER A 552 23.47 -15.59 19.48
N PHE A 553 24.73 -15.84 19.14
CA PHE A 553 25.01 -16.77 18.07
C PHE A 553 26.39 -17.36 18.27
N SER A 554 26.53 -18.59 17.76
CA SER A 554 27.84 -19.16 17.52
C SER A 554 28.05 -19.35 16.01
N GLN A 555 29.32 -19.24 15.68
CA GLN A 555 29.83 -19.41 14.35
C GLN A 555 31.04 -20.33 14.44
N ASN A 556 30.90 -21.45 13.75
CA ASN A 556 31.99 -22.42 13.65
C ASN A 556 32.32 -22.55 12.18
N GLY A 557 33.36 -21.87 11.74
CA GLY A 557 33.56 -21.68 10.31
C GLY A 557 32.25 -21.21 9.68
N GLU A 558 31.63 -22.08 8.89
CA GLU A 558 30.53 -21.67 8.02
C GLU A 558 29.23 -21.73 8.80
N LYS A 559 29.21 -22.56 9.83
CA LYS A 559 27.97 -22.97 10.46
C LYS A 559 27.65 -21.97 11.56
N VAL A 560 26.51 -21.29 11.41
CA VAL A 560 26.07 -20.31 12.41
C VAL A 560 24.79 -20.80 13.08
N ASN A 561 24.69 -20.77 14.44
CA ASN A 561 23.43 -21.11 15.10
C ASN A 561 22.94 -19.96 15.94
N PHE A 562 21.64 -20.03 16.22
CA PHE A 562 20.90 -19.03 16.98
C PHE A 562 19.45 -19.48 17.08
N LYS A 563 18.74 -18.80 17.98
CA LYS A 563 17.37 -19.13 18.36
C LYS A 563 16.48 -17.96 17.99
N VAL A 564 15.37 -18.22 17.33
CA VAL A 564 14.47 -17.08 17.11
C VAL A 564 13.45 -17.05 18.24
N PRO A 565 13.21 -15.89 18.91
CA PRO A 565 12.34 -15.84 20.08
C PRO A 565 10.90 -16.30 19.84
N VAL A 566 10.32 -15.82 18.72
CA VAL A 566 8.91 -16.03 18.47
C VAL A 566 8.63 -15.98 16.98
N LEU A 567 7.91 -17.00 16.50
CA LEU A 567 7.41 -16.97 15.14
C LEU A 567 5.93 -17.20 15.24
N GLN A 568 5.21 -16.24 14.67
CA GLN A 568 3.78 -16.38 14.55
C GLN A 568 3.42 -16.30 13.09
N TYR A 569 3.32 -15.09 12.52
CA TYR A 569 3.12 -14.94 11.10
C TYR A 569 4.48 -14.76 10.41
N TRP A 570 5.28 -13.82 10.93
CA TRP A 570 6.34 -13.23 10.13
C TRP A 570 7.42 -12.73 11.06
N ALA A 571 8.58 -13.38 10.93
CA ALA A 571 9.79 -12.98 11.61
C ALA A 571 10.85 -12.58 10.56
N MET A 572 11.70 -11.57 10.88
CA MET A 572 12.83 -11.16 10.01
C MET A 572 14.12 -11.27 10.81
N ILE A 573 15.01 -12.09 10.24
CA ILE A 573 16.35 -12.22 10.75
C ILE A 573 17.36 -11.48 9.83
N VAL A 574 18.32 -10.78 10.46
CA VAL A 574 19.27 -9.95 9.74
C VAL A 574 20.68 -10.28 10.22
N VAL A 575 21.51 -10.71 9.25
CA VAL A 575 22.86 -11.13 9.58
C VAL A 575 23.84 -10.10 9.04
N GLU A 576 24.61 -9.49 9.95
CA GLU A 576 25.59 -8.49 9.55
C GLU A 576 26.99 -9.03 9.81
C1 GOL B . -17.63 2.97 -9.94
O1 GOL B . -17.38 3.26 -8.55
C2 GOL B . -17.01 3.93 -10.94
O2 GOL B . -16.79 5.24 -10.40
C3 GOL B . -15.81 3.38 -11.68
O3 GOL B . -15.25 4.23 -12.69
H11 GOL B . -18.60 2.95 -10.08
H12 GOL B . -17.28 2.06 -10.12
HO1 GOL B . -17.77 2.67 -8.09
H2 GOL B . -17.71 4.05 -11.63
HO2 GOL B . -16.02 5.48 -10.63
H31 GOL B . -16.07 2.52 -12.10
H32 GOL B . -15.10 3.16 -11.01
HO3 GOL B . -14.82 4.85 -12.30
#